data_5HZM
#
_entry.id   5HZM
#
_cell.length_a   94.190
_cell.length_b   94.190
_cell.length_c   109.609
_cell.angle_alpha   90.000
_cell.angle_beta   90.000
_cell.angle_gamma   90.000
#
_symmetry.space_group_name_H-M   'I 41'
#
loop_
_entity.id
_entity.type
_entity.pdbx_description
1 polymer 'Protein arginine N-methyltransferase 6'
2 non-polymer S-ADENOSYL-L-HOMOCYSTEINE
3 non-polymer 'UNKNOWN ATOM OR ION'
4 water water
#
_entity_poly.entity_id   1
_entity_poly.type   'polypeptide(L)'
_entity_poly.pdbx_seq_one_letter_code
;GMSQPKKRKLESGGGGEGGEGTEEEDGAEREAALERPRRTKRERDQLYYECYSDVSVHEEMIADRVRTDAYRLGILRNWA
ALRGKTVLDVGAGTGILSIFCAQAGARRVYAVEASAIWQQAREVVRFNGLEDRVHVLPGPVETVELPEQVDAIVSEWMGY
GLLHESMLSSVLHARTKWLKEGGLLLPASAELFIVPISDQMLEWRLGFWSQVKQHYGVDMSCLEGFATRCLMGHSEIVVQ
GLSGEDVLARPQRFAQLELSRAGLEQELEAGVGGRFRCSCYGSAPMHGFAIWFQVTFPGGESEKPLVLSTSPFHPATHWK
QALLYLNEPVQVEQDTDVSGEITLLPSRDNPRRLRVLLRYKVGDQEEKTKDFAMED
;
_entity_poly.pdbx_strand_id   A
#
loop_
_chem_comp.id
_chem_comp.type
_chem_comp.name
_chem_comp.formula
SAH non-polymer S-ADENOSYL-L-HOMOCYSTEINE 'C14 H20 N6 O5 S'
UNX non-polymer 'UNKNOWN ATOM OR ION' ?
#
# COMPACT_ATOMS: atom_id res chain seq x y z
N TYR A 48 22.65 22.18 8.03
CA TYR A 48 21.22 22.26 8.43
C TYR A 48 20.30 22.76 7.29
N TYR A 49 19.28 21.96 6.99
CA TYR A 49 18.05 22.42 6.31
C TYR A 49 16.89 21.85 7.15
N GLU A 50 15.69 22.44 7.05
CA GLU A 50 14.50 21.92 7.74
C GLU A 50 14.23 20.51 7.18
N CYS A 51 14.26 19.51 8.05
CA CYS A 51 14.23 18.13 7.59
C CYS A 51 13.36 17.21 8.44
N TYR A 52 12.39 17.80 9.18
CA TYR A 52 11.50 17.03 10.05
C TYR A 52 10.78 15.90 9.27
N SER A 53 10.21 16.25 8.11
CA SER A 53 9.47 15.32 7.27
C SER A 53 10.40 14.21 6.80
N ASP A 54 11.60 14.59 6.35
CA ASP A 54 12.58 13.64 5.88
C ASP A 54 12.76 12.53 6.94
N VAL A 55 13.21 12.91 8.15
CA VAL A 55 13.52 11.88 9.14
C VAL A 55 12.29 11.08 9.60
N SER A 56 11.13 11.73 9.70
CA SER A 56 9.94 11.02 10.21
C SER A 56 9.42 9.94 9.24
N VAL A 57 9.38 10.26 7.95
CA VAL A 57 8.95 9.32 6.94
C VAL A 57 9.87 8.06 6.93
N HIS A 58 11.18 8.29 6.98
CA HIS A 58 12.14 7.19 6.93
C HIS A 58 12.20 6.39 8.21
N GLU A 59 12.08 7.08 9.35
CA GLU A 59 11.90 6.42 10.62
C GLU A 59 10.70 5.47 10.61
N GLU A 60 9.56 5.94 10.14
CA GLU A 60 8.35 5.12 10.12
C GLU A 60 8.56 3.87 9.23
N MET A 61 9.17 4.04 8.08
CA MET A 61 9.40 2.92 7.16
C MET A 61 10.33 1.86 7.76
N ILE A 62 11.44 2.31 8.32
CA ILE A 62 12.43 1.40 8.91
C ILE A 62 11.97 0.78 10.21
N ALA A 63 11.20 1.54 10.98
CA ALA A 63 10.52 1.00 12.16
C ALA A 63 9.46 -0.05 11.87
N ASP A 64 8.90 -0.02 10.65
CA ASP A 64 7.95 -1.04 10.23
C ASP A 64 8.74 -2.32 9.96
N ARG A 65 8.77 -3.18 10.98
CA ARG A 65 9.61 -4.39 10.92
C ARG A 65 9.04 -5.42 9.96
N VAL A 66 7.71 -5.53 9.92
CA VAL A 66 7.08 -6.43 8.96
C VAL A 66 7.53 -6.07 7.56
N ARG A 67 7.48 -4.78 7.21
CA ARG A 67 7.92 -4.33 5.89
C ARG A 67 9.38 -4.61 5.68
N THR A 68 10.18 -4.13 6.61
CA THR A 68 11.61 -4.11 6.37
C THR A 68 12.19 -5.55 6.45
N ASP A 69 11.69 -6.41 7.34
CA ASP A 69 12.10 -7.84 7.33
C ASP A 69 11.64 -8.61 6.10
N ALA A 70 10.44 -8.31 5.60
CA ALA A 70 9.99 -8.93 4.34
C ALA A 70 10.99 -8.60 3.19
N TYR A 71 11.47 -7.37 3.13
CA TYR A 71 12.44 -7.01 2.08
C TYR A 71 13.78 -7.67 2.36
N ARG A 72 14.22 -7.70 3.60
CA ARG A 72 15.52 -8.30 3.92
C ARG A 72 15.55 -9.79 3.58
N LEU A 73 14.56 -10.53 4.08
CA LEU A 73 14.43 -11.98 3.78
C LEU A 73 14.05 -12.24 2.33
N GLY A 74 13.14 -11.45 1.77
CA GLY A 74 12.86 -11.54 0.33
C GLY A 74 14.10 -11.43 -0.54
N ILE A 75 14.98 -10.50 -0.20
CA ILE A 75 16.24 -10.27 -0.92
C ILE A 75 17.27 -11.39 -0.64
N LEU A 76 17.53 -11.65 0.65
CA LEU A 76 18.49 -12.72 1.06
C LEU A 76 18.18 -14.10 0.49
N ARG A 77 16.89 -14.46 0.43
CA ARG A 77 16.46 -15.73 -0.15
C ARG A 77 16.75 -15.81 -1.64
N ASN A 78 17.01 -14.68 -2.30
CA ASN A 78 17.44 -14.68 -3.69
C ASN A 78 18.92 -14.49 -3.83
N TRP A 79 19.66 -14.86 -2.79
CA TRP A 79 21.13 -14.70 -2.81
C TRP A 79 21.78 -15.38 -4.01
N ALA A 80 21.32 -16.59 -4.34
CA ALA A 80 21.91 -17.32 -5.46
C ALA A 80 21.78 -16.54 -6.76
N ALA A 81 20.66 -15.86 -6.97
CA ALA A 81 20.44 -15.04 -8.18
C ALA A 81 21.14 -13.66 -8.15
N LEU A 82 21.46 -13.17 -6.96
CA LEU A 82 22.05 -11.84 -6.83
C LEU A 82 23.57 -11.88 -6.67
N ARG A 83 24.11 -12.96 -6.08
CA ARG A 83 25.54 -13.05 -5.84
C ARG A 83 26.32 -12.75 -7.12
N GLY A 84 27.22 -11.77 -7.03
CA GLY A 84 28.00 -11.35 -8.18
C GLY A 84 27.31 -10.57 -9.25
N LYS A 85 26.05 -10.16 -9.03
CA LYS A 85 25.26 -9.51 -10.08
C LYS A 85 25.04 -8.03 -9.77
N THR A 86 24.39 -7.31 -10.68
CA THR A 86 24.12 -5.88 -10.50
C THR A 86 22.65 -5.60 -10.19
N VAL A 87 22.41 -4.57 -9.37
CA VAL A 87 21.09 -4.24 -8.90
C VAL A 87 20.85 -2.74 -9.00
N LEU A 88 19.65 -2.36 -9.44
CA LEU A 88 19.16 -0.97 -9.34
C LEU A 88 18.11 -0.87 -8.23
N ASP A 89 18.39 -0.06 -7.20
CA ASP A 89 17.41 0.23 -6.13
C ASP A 89 16.69 1.54 -6.49
N VAL A 90 15.42 1.42 -6.87
CA VAL A 90 14.62 2.59 -7.30
C VAL A 90 13.97 3.26 -6.09
N GLY A 91 14.45 4.46 -5.74
CA GLY A 91 13.96 5.18 -4.58
C GLY A 91 14.62 4.66 -3.33
N ALA A 92 15.93 4.80 -3.28
CA ALA A 92 16.75 4.16 -2.27
C ALA A 92 16.60 4.74 -0.87
N GLY A 93 16.11 5.97 -0.75
CA GLY A 93 15.85 6.50 0.60
C GLY A 93 17.13 6.63 1.41
N THR A 94 17.15 6.00 2.58
CA THR A 94 18.34 5.89 3.46
C THR A 94 19.39 4.86 3.00
N GLY A 95 19.04 4.07 1.98
CA GLY A 95 19.94 3.09 1.39
C GLY A 95 19.83 1.70 1.95
N ILE A 96 18.89 1.46 2.88
CA ILE A 96 18.77 0.18 3.55
C ILE A 96 18.60 -1.05 2.62
N LEU A 97 17.81 -0.91 1.56
CA LEU A 97 17.55 -2.04 0.66
C LEU A 97 18.75 -2.32 -0.23
N SER A 98 19.43 -1.27 -0.65
CA SER A 98 20.70 -1.38 -1.35
C SER A 98 21.74 -2.15 -0.51
N ILE A 99 21.78 -1.90 0.78
CA ILE A 99 22.69 -2.62 1.64
C ILE A 99 22.25 -4.07 1.86
N PHE A 100 20.93 -4.31 1.90
CA PHE A 100 20.43 -5.70 1.91
C PHE A 100 20.90 -6.48 0.68
N CYS A 101 20.87 -5.84 -0.49
CA CYS A 101 21.34 -6.44 -1.71
C CYS A 101 22.84 -6.77 -1.67
N ALA A 102 23.64 -5.86 -1.13
CA ALA A 102 25.06 -6.12 -0.91
C ALA A 102 25.26 -7.29 0.05
N GLN A 103 24.50 -7.32 1.14
CA GLN A 103 24.59 -8.47 2.04
C GLN A 103 24.28 -9.78 1.32
N ALA A 104 23.30 -9.74 0.42
CA ALA A 104 22.89 -10.91 -0.37
C ALA A 104 23.92 -11.33 -1.41
N GLY A 105 24.89 -10.46 -1.67
CA GLY A 105 26.07 -10.82 -2.44
C GLY A 105 26.28 -10.05 -3.72
N ALA A 106 25.48 -9.00 -3.97
CA ALA A 106 25.55 -8.24 -5.24
C ALA A 106 26.90 -7.60 -5.40
N ARG A 107 27.42 -7.55 -6.61
CA ARG A 107 28.73 -6.92 -6.89
CA ARG A 107 28.73 -6.93 -6.84
C ARG A 107 28.62 -5.40 -6.89
N ARG A 108 27.50 -4.92 -7.43
CA ARG A 108 27.27 -3.49 -7.64
C ARG A 108 25.78 -3.19 -7.50
N VAL A 109 25.44 -2.21 -6.64
CA VAL A 109 24.07 -1.77 -6.44
C VAL A 109 24.00 -0.27 -6.75
N TYR A 110 23.14 0.13 -7.66
CA TYR A 110 22.90 1.56 -7.92
C TYR A 110 21.68 2.04 -7.10
N ALA A 111 21.94 2.90 -6.12
CA ALA A 111 20.94 3.37 -5.19
C ALA A 111 20.47 4.75 -5.64
N VAL A 112 19.36 4.80 -6.38
CA VAL A 112 18.88 6.05 -6.96
C VAL A 112 17.79 6.68 -6.10
N GLU A 113 17.95 7.96 -5.77
CA GLU A 113 17.06 8.65 -4.83
C GLU A 113 16.91 10.11 -5.22
N ALA A 114 15.67 10.52 -5.44
CA ALA A 114 15.38 11.86 -5.98
C ALA A 114 15.47 13.02 -4.99
N SER A 115 15.09 12.78 -3.73
CA SER A 115 15.06 13.84 -2.70
C SER A 115 16.30 13.87 -1.79
N ALA A 116 16.33 14.87 -0.90
CA ALA A 116 17.54 15.23 -0.15
C ALA A 116 18.08 14.15 0.77
N ILE A 117 17.23 13.18 1.12
CA ILE A 117 17.64 12.01 1.87
C ILE A 117 18.79 11.23 1.21
N TRP A 118 19.01 11.42 -0.08
CA TRP A 118 20.17 10.81 -0.77
C TRP A 118 21.50 11.08 -0.02
N GLN A 119 21.60 12.30 0.51
CA GLN A 119 22.76 12.73 1.30
C GLN A 119 22.98 11.80 2.49
N GLN A 120 21.89 11.43 3.17
CA GLN A 120 21.96 10.45 4.26
C GLN A 120 22.31 9.05 3.76
N ALA A 121 21.73 8.67 2.63
CA ALA A 121 22.07 7.39 2.03
C ALA A 121 23.59 7.27 1.77
N ARG A 122 24.16 8.27 1.09
N ARG A 122 24.15 8.28 1.10
CA ARG A 122 25.63 8.33 0.84
CA ARG A 122 25.60 8.37 0.83
C ARG A 122 26.42 8.12 2.12
C ARG A 122 26.45 8.18 2.09
N GLU A 123 26.01 8.77 3.20
CA GLU A 123 26.65 8.61 4.52
C GLU A 123 26.52 7.21 5.10
N VAL A 124 25.33 6.62 5.02
CA VAL A 124 25.15 5.28 5.57
C VAL A 124 26.05 4.25 4.83
N VAL A 125 26.20 4.45 3.52
CA VAL A 125 27.03 3.57 2.71
C VAL A 125 28.51 3.77 3.04
N ARG A 126 28.97 5.03 3.01
CA ARG A 126 30.35 5.38 3.41
C ARG A 126 30.64 4.79 4.77
N PHE A 127 29.80 5.11 5.74
CA PHE A 127 29.94 4.59 7.09
C PHE A 127 29.99 3.07 7.20
N ASN A 128 29.23 2.34 6.39
CA ASN A 128 29.28 0.87 6.41
C ASN A 128 30.40 0.31 5.52
N GLY A 129 31.14 1.20 4.83
CA GLY A 129 32.29 0.80 4.02
C GLY A 129 31.91 0.03 2.77
N LEU A 130 30.81 0.43 2.15
CA LEU A 130 30.26 -0.28 1.00
C LEU A 130 30.24 0.62 -0.19
N GLU A 131 31.07 1.66 -0.20
CA GLU A 131 31.06 2.61 -1.33
C GLU A 131 31.70 2.06 -2.62
N ASP A 132 32.44 0.96 -2.55
CA ASP A 132 32.89 0.28 -3.78
C ASP A 132 31.81 -0.62 -4.39
N ARG A 133 30.82 -0.99 -3.59
CA ARG A 133 29.77 -1.90 -4.04
C ARG A 133 28.40 -1.23 -4.20
N VAL A 134 28.11 -0.20 -3.39
CA VAL A 134 26.85 0.53 -3.50
C VAL A 134 27.09 2.02 -3.89
N HIS A 135 26.58 2.42 -5.03
CA HIS A 135 26.75 3.80 -5.53
C HIS A 135 25.44 4.56 -5.41
N VAL A 136 25.40 5.55 -4.51
CA VAL A 136 24.20 6.37 -4.32
C VAL A 136 24.19 7.46 -5.36
N LEU A 137 23.11 7.56 -6.13
CA LEU A 137 23.01 8.51 -7.23
C LEU A 137 21.81 9.44 -7.05
N PRO A 138 22.02 10.75 -7.29
N PRO A 138 22.05 10.75 -6.95
CA PRO A 138 21.02 11.77 -7.03
CA PRO A 138 20.87 11.60 -6.74
C PRO A 138 19.97 11.81 -8.10
C PRO A 138 20.01 11.84 -7.99
N GLY A 139 18.75 12.18 -7.73
CA GLY A 139 17.80 12.57 -8.73
C GLY A 139 16.88 11.45 -9.18
N PRO A 140 15.91 11.79 -10.03
CA PRO A 140 14.87 10.82 -10.38
C PRO A 140 15.40 9.70 -11.24
N VAL A 141 14.79 8.52 -11.09
CA VAL A 141 15.27 7.36 -11.83
C VAL A 141 15.03 7.56 -13.33
N GLU A 142 14.03 8.36 -13.67
CA GLU A 142 13.69 8.59 -15.07
C GLU A 142 14.85 9.21 -15.88
N THR A 143 15.76 9.95 -15.22
CA THR A 143 16.89 10.60 -15.89
C THR A 143 18.24 10.15 -15.38
N VAL A 144 18.29 9.22 -14.45
CA VAL A 144 19.58 8.73 -14.01
C VAL A 144 20.32 8.05 -15.19
N GLU A 145 21.64 8.11 -15.17
CA GLU A 145 22.47 7.47 -16.20
C GLU A 145 23.29 6.43 -15.48
N LEU A 146 23.03 5.18 -15.79
CA LEU A 146 23.83 4.10 -15.23
C LEU A 146 24.81 3.71 -16.33
N PRO A 147 25.92 3.09 -15.96
CA PRO A 147 26.91 2.62 -16.94
C PRO A 147 26.62 1.23 -17.54
N GLU A 148 25.50 0.60 -17.17
CA GLU A 148 25.17 -0.75 -17.65
C GLU A 148 23.69 -1.03 -17.37
N GLN A 149 23.10 -1.97 -18.10
CA GLN A 149 21.82 -2.57 -17.71
C GLN A 149 22.07 -3.36 -16.43
N VAL A 150 21.00 -3.64 -15.69
CA VAL A 150 21.14 -4.34 -14.43
C VAL A 150 20.52 -5.74 -14.49
N ASP A 151 20.98 -6.60 -13.59
CA ASP A 151 20.43 -7.94 -13.43
C ASP A 151 19.15 -7.98 -12.59
N ALA A 152 18.95 -6.95 -11.75
CA ALA A 152 17.80 -6.93 -10.89
C ALA A 152 17.40 -5.49 -10.52
N ILE A 153 16.11 -5.31 -10.28
CA ILE A 153 15.58 -4.11 -9.65
C ILE A 153 14.95 -4.48 -8.31
N VAL A 154 15.27 -3.70 -7.27
CA VAL A 154 14.56 -3.77 -6.01
C VAL A 154 13.94 -2.40 -5.75
N SER A 155 12.74 -2.41 -5.18
CA SER A 155 12.07 -1.15 -4.86
C SER A 155 10.92 -1.37 -3.87
N GLU A 156 10.83 -0.45 -2.91
CA GLU A 156 9.64 -0.33 -2.13
C GLU A 156 8.92 0.93 -2.63
N TRP A 157 7.87 0.67 -3.41
CA TRP A 157 7.15 1.67 -4.17
C TRP A 157 5.68 1.82 -3.79
N MET A 158 5.22 1.02 -2.83
CA MET A 158 3.80 0.85 -2.59
C MET A 158 3.29 2.03 -1.71
N GLY A 159 2.19 2.62 -2.10
CA GLY A 159 1.54 3.64 -1.28
C GLY A 159 0.34 3.10 -0.54
N TYR A 160 -0.33 3.99 0.19
CA TYR A 160 -1.61 3.67 0.81
C TYR A 160 -2.57 3.22 -0.27
N GLY A 161 -3.35 2.19 0.05
CA GLY A 161 -4.22 1.59 -0.96
C GLY A 161 -3.45 1.10 -2.18
N LEU A 162 -2.20 0.70 -1.94
CA LEU A 162 -1.22 0.34 -2.98
C LEU A 162 -0.80 1.46 -3.95
N LEU A 163 -1.76 2.17 -4.53
CA LEU A 163 -1.52 3.05 -5.64
C LEU A 163 -1.61 4.54 -5.33
N HIS A 164 -1.83 4.94 -4.08
CA HIS A 164 -1.85 6.36 -3.76
C HIS A 164 -0.42 6.87 -3.70
N GLU A 165 -0.10 7.89 -4.51
CA GLU A 165 1.23 8.53 -4.48
C GLU A 165 2.32 7.47 -4.51
N SER A 166 2.15 6.48 -5.41
CA SER A 166 3.08 5.36 -5.46
C SER A 166 4.14 5.64 -6.50
N MET A 167 5.26 4.93 -6.38
CA MET A 167 6.34 5.07 -7.34
CA MET A 167 6.38 5.02 -7.29
C MET A 167 6.20 4.02 -8.45
N LEU A 168 5.03 3.39 -8.59
CA LEU A 168 4.95 2.22 -9.49
C LEU A 168 5.31 2.60 -10.92
N SER A 169 4.83 3.75 -11.41
CA SER A 169 5.18 4.19 -12.77
CA SER A 169 5.17 4.21 -12.76
C SER A 169 6.69 4.36 -12.95
N SER A 170 7.37 4.84 -11.91
CA SER A 170 8.82 4.97 -11.96
C SER A 170 9.56 3.62 -11.98
N VAL A 171 9.03 2.64 -11.25
CA VAL A 171 9.58 1.29 -11.28
C VAL A 171 9.42 0.69 -12.69
N LEU A 172 8.25 0.87 -13.29
CA LEU A 172 8.02 0.33 -14.63
C LEU A 172 8.87 1.05 -15.69
N HIS A 173 9.13 2.33 -15.46
CA HIS A 173 9.96 3.11 -16.37
C HIS A 173 11.39 2.59 -16.32
N ALA A 174 11.86 2.31 -15.11
CA ALA A 174 13.18 1.77 -14.89
C ALA A 174 13.32 0.32 -15.37
N ARG A 175 12.29 -0.50 -15.18
CA ARG A 175 12.24 -1.88 -15.73
CA ARG A 175 12.32 -1.86 -15.70
C ARG A 175 12.54 -1.83 -17.22
N THR A 176 11.71 -1.07 -17.93
CA THR A 176 11.83 -0.92 -19.39
C THR A 176 13.21 -0.39 -19.81
N LYS A 177 13.73 0.62 -19.13
CA LYS A 177 14.98 1.27 -19.56
C LYS A 177 16.24 0.50 -19.17
N TRP A 178 16.28 -0.04 -17.95
CA TRP A 178 17.52 -0.55 -17.39
C TRP A 178 17.59 -2.05 -17.08
N LEU A 179 16.46 -2.76 -17.02
CA LEU A 179 16.50 -4.16 -16.53
C LEU A 179 16.82 -5.06 -17.70
N LYS A 180 17.79 -5.97 -17.52
CA LYS A 180 18.13 -6.93 -18.60
C LYS A 180 16.97 -7.87 -18.85
N GLU A 181 16.84 -8.30 -20.09
CA GLU A 181 15.90 -9.33 -20.48
C GLU A 181 16.04 -10.48 -19.49
N GLY A 182 14.92 -10.95 -18.94
CA GLY A 182 14.91 -12.00 -17.93
C GLY A 182 15.43 -11.61 -16.55
N GLY A 183 15.57 -10.31 -16.28
CA GLY A 183 16.10 -9.84 -15.00
C GLY A 183 15.12 -10.04 -13.86
N LEU A 184 15.63 -9.98 -12.65
CA LEU A 184 14.84 -10.18 -11.44
C LEU A 184 14.15 -8.85 -10.99
N LEU A 185 12.87 -8.92 -10.58
CA LEU A 185 12.10 -7.80 -9.98
C LEU A 185 11.65 -8.15 -8.59
N LEU A 186 12.04 -7.31 -7.62
CA LEU A 186 11.76 -7.57 -6.22
C LEU A 186 11.02 -6.37 -5.59
N PRO A 187 9.73 -6.50 -5.23
CA PRO A 187 8.88 -7.68 -5.51
C PRO A 187 8.48 -7.80 -6.97
N ALA A 188 7.86 -8.92 -7.34
CA ALA A 188 7.55 -9.20 -8.76
C ALA A 188 6.09 -8.90 -9.09
N SER A 189 5.23 -8.88 -8.07
CA SER A 189 3.81 -8.72 -8.31
C SER A 189 3.14 -8.16 -7.09
N ALA A 190 1.91 -7.73 -7.30
CA ALA A 190 1.05 -7.21 -6.26
C ALA A 190 -0.36 -7.68 -6.50
N GLU A 191 -1.10 -7.83 -5.40
CA GLU A 191 -2.52 -8.20 -5.45
C GLU A 191 -3.33 -7.31 -4.55
N LEU A 192 -4.54 -6.99 -4.99
CA LEU A 192 -5.47 -6.18 -4.23
C LEU A 192 -6.66 -6.98 -3.75
N PHE A 193 -7.10 -6.67 -2.53
CA PHE A 193 -8.19 -7.37 -1.85
C PHE A 193 -9.21 -6.39 -1.30
N ILE A 194 -10.45 -6.85 -1.24
CA ILE A 194 -11.55 -6.10 -0.67
C ILE A 194 -12.43 -7.00 0.20
N VAL A 195 -13.01 -6.42 1.23
CA VAL A 195 -13.96 -7.15 2.10
C VAL A 195 -14.87 -6.18 2.84
N PRO A 196 -16.13 -6.57 3.11
CA PRO A 196 -16.96 -5.73 3.97
C PRO A 196 -16.45 -5.74 5.40
N ILE A 197 -16.58 -4.60 6.08
CA ILE A 197 -16.04 -4.43 7.41
C ILE A 197 -17.02 -3.76 8.35
N SER A 198 -16.79 -4.01 9.63
CA SER A 198 -17.38 -3.27 10.75
C SER A 198 -16.24 -2.67 11.57
N ASP A 199 -16.07 -1.36 11.51
CA ASP A 199 -15.01 -0.64 12.20
C ASP A 199 -15.41 -0.27 13.62
N GLN A 200 -14.79 -0.96 14.58
CA GLN A 200 -15.11 -0.75 16.02
C GLN A 200 -14.80 0.64 16.53
N MET A 201 -13.70 1.22 16.07
N MET A 201 -13.69 1.23 16.06
CA MET A 201 -13.34 2.57 16.47
CA MET A 201 -13.34 2.59 16.43
C MET A 201 -14.35 3.59 15.91
C MET A 201 -14.40 3.55 15.93
N LEU A 202 -14.83 3.36 14.68
CA LEU A 202 -15.89 4.22 14.11
C LEU A 202 -17.18 4.05 14.90
N GLU A 203 -17.50 2.81 15.22
CA GLU A 203 -18.69 2.53 16.02
C GLU A 203 -18.68 3.30 17.35
N TRP A 204 -17.54 3.29 18.04
N TRP A 204 -17.54 3.28 18.05
CA TRP A 204 -17.35 4.06 19.28
CA TRP A 204 -17.41 4.03 19.30
C TRP A 204 -17.62 5.54 19.04
C TRP A 204 -17.58 5.55 19.08
N ARG A 205 -17.01 6.10 17.99
CA ARG A 205 -17.22 7.52 17.64
C ARG A 205 -18.69 7.89 17.29
N LEU A 206 -19.38 6.97 16.62
CA LEU A 206 -20.79 7.16 16.31
C LEU A 206 -21.64 7.14 17.58
N GLY A 207 -21.29 6.27 18.52
CA GLY A 207 -22.00 6.13 19.79
C GLY A 207 -21.63 7.13 20.87
N PHE A 208 -20.52 7.88 20.68
CA PHE A 208 -20.01 8.80 21.70
C PHE A 208 -21.07 9.77 22.24
N TRP A 209 -21.89 10.31 21.36
CA TRP A 209 -22.82 11.38 21.72
C TRP A 209 -23.93 10.89 22.64
N SER A 210 -24.27 9.60 22.54
CA SER A 210 -25.26 8.98 23.43
CA SER A 210 -25.26 8.96 23.43
C SER A 210 -24.71 8.65 24.83
N GLN A 211 -23.40 8.73 25.03
CA GLN A 211 -22.80 8.49 26.36
C GLN A 211 -22.58 9.78 27.19
N VAL A 212 -22.81 10.94 26.60
CA VAL A 212 -22.56 12.22 27.27
C VAL A 212 -23.45 12.34 28.54
N LYS A 213 -24.73 11.97 28.43
CA LYS A 213 -25.68 11.95 29.57
C LYS A 213 -25.14 11.23 30.80
N GLN A 214 -24.62 10.02 30.62
CA GLN A 214 -23.98 9.26 31.72
C GLN A 214 -22.83 10.02 32.42
N HIS A 215 -22.05 10.77 31.64
CA HIS A 215 -20.88 11.50 32.17
C HIS A 215 -21.21 12.90 32.69
N TYR A 216 -22.14 13.62 32.05
CA TYR A 216 -22.35 15.06 32.31
C TYR A 216 -23.82 15.55 32.45
N GLY A 217 -24.81 14.66 32.47
CA GLY A 217 -26.17 15.11 32.70
C GLY A 217 -26.75 15.94 31.58
N VAL A 218 -26.16 15.85 30.40
CA VAL A 218 -26.66 16.56 29.25
C VAL A 218 -26.86 15.48 28.24
N ASP A 219 -28.02 15.50 27.58
CA ASP A 219 -28.37 14.50 26.63
C ASP A 219 -27.98 15.03 25.26
N MET A 220 -27.00 14.38 24.65
CA MET A 220 -26.55 14.78 23.32
C MET A 220 -26.78 13.68 22.27
N SER A 221 -27.67 12.72 22.56
CA SER A 221 -27.95 11.59 21.65
C SER A 221 -28.54 12.05 20.33
N CYS A 222 -29.23 13.18 20.33
CA CYS A 222 -29.68 13.81 19.12
C CYS A 222 -28.57 14.17 18.11
N LEU A 223 -27.29 14.05 18.49
CA LEU A 223 -26.20 14.34 17.57
C LEU A 223 -25.67 13.12 16.81
N GLU A 224 -26.27 11.95 16.97
CA GLU A 224 -25.84 10.76 16.19
C GLU A 224 -25.98 10.96 14.69
N GLY A 225 -27.08 11.56 14.26
CA GLY A 225 -27.29 11.87 12.86
C GLY A 225 -26.13 12.71 12.31
N PHE A 226 -25.85 13.80 13.02
CA PHE A 226 -24.75 14.71 12.69
C PHE A 226 -23.42 13.98 12.59
N ALA A 227 -23.11 13.20 13.60
CA ALA A 227 -21.87 12.46 13.64
C ALA A 227 -21.73 11.49 12.46
N THR A 228 -22.85 10.84 12.11
CA THR A 228 -22.87 9.89 10.99
C THR A 228 -22.59 10.63 9.69
N ARG A 229 -23.32 11.70 9.44
CA ARG A 229 -23.10 12.48 8.25
C ARG A 229 -21.65 12.95 8.12
N CYS A 230 -21.06 13.45 9.21
CA CYS A 230 -19.70 13.97 9.15
C CYS A 230 -18.62 12.87 9.00
N LEU A 231 -18.83 11.72 9.66
CA LEU A 231 -17.80 10.68 9.74
C LEU A 231 -17.92 9.64 8.61
N MET A 232 -19.14 9.41 8.13
CA MET A 232 -19.40 8.47 7.03
C MET A 232 -19.89 9.09 5.72
N GLY A 233 -20.47 10.29 5.78
CA GLY A 233 -21.10 10.92 4.63
C GLY A 233 -20.14 11.58 3.68
N HIS A 234 -18.88 11.70 4.03
CA HIS A 234 -17.87 12.24 3.15
C HIS A 234 -17.49 11.21 2.06
N SER A 235 -16.69 11.65 1.08
CA SER A 235 -16.21 10.84 -0.04
C SER A 235 -14.68 10.66 -0.08
N GLU A 236 -14.06 10.61 1.07
CA GLU A 236 -12.63 10.42 1.22
C GLU A 236 -12.28 9.00 1.70
N ILE A 237 -11.19 8.47 1.14
CA ILE A 237 -10.62 7.20 1.56
C ILE A 237 -9.91 7.45 2.87
N VAL A 238 -10.20 6.64 3.88
CA VAL A 238 -9.63 6.82 5.22
C VAL A 238 -8.62 5.70 5.49
N VAL A 239 -7.37 6.06 5.78
CA VAL A 239 -6.36 5.08 6.17
C VAL A 239 -6.51 4.76 7.64
N GLN A 240 -6.68 3.49 7.97
CA GLN A 240 -6.95 3.08 9.33
C GLN A 240 -6.65 1.59 9.48
N GLY A 241 -6.10 1.19 10.64
CA GLY A 241 -5.76 -0.18 10.97
C GLY A 241 -6.95 -0.93 11.58
N LEU A 242 -7.34 -2.02 10.97
CA LEU A 242 -8.40 -2.87 11.48
C LEU A 242 -7.79 -4.15 12.06
N SER A 243 -8.60 -4.92 12.74
CA SER A 243 -8.21 -6.25 13.16
C SER A 243 -9.13 -7.29 12.53
N GLY A 244 -8.80 -8.56 12.75
CA GLY A 244 -9.52 -9.67 12.17
C GLY A 244 -11.01 -9.64 12.47
N GLU A 245 -11.37 -9.25 13.68
CA GLU A 245 -12.77 -9.30 14.07
C GLU A 245 -13.63 -8.26 13.34
N ASP A 246 -13.00 -7.24 12.73
CA ASP A 246 -13.71 -6.25 11.93
C ASP A 246 -14.16 -6.79 10.57
N VAL A 247 -13.62 -7.94 10.13
CA VAL A 247 -13.83 -8.45 8.79
C VAL A 247 -15.12 -9.26 8.76
N LEU A 248 -16.05 -8.93 7.84
CA LEU A 248 -17.38 -9.53 7.86
C LEU A 248 -17.60 -10.72 6.95
N ALA A 249 -16.63 -11.05 6.10
CA ALA A 249 -16.78 -12.09 5.07
C ALA A 249 -15.38 -12.54 4.64
N ARG A 250 -15.30 -13.49 3.72
CA ARG A 250 -14.01 -13.91 3.18
C ARG A 250 -13.51 -12.79 2.27
N PRO A 251 -12.26 -12.35 2.47
CA PRO A 251 -11.71 -11.32 1.59
C PRO A 251 -11.65 -11.79 0.16
N GLN A 252 -11.90 -10.92 -0.80
CA GLN A 252 -11.84 -11.27 -2.21
C GLN A 252 -10.75 -10.53 -2.91
N ARG A 253 -9.95 -11.27 -3.68
CA ARG A 253 -8.96 -10.64 -4.54
C ARG A 253 -9.69 -9.97 -5.70
N PHE A 254 -9.42 -8.68 -5.96
CA PHE A 254 -10.04 -8.03 -7.13
C PHE A 254 -9.12 -7.57 -8.23
N ALA A 255 -7.81 -7.63 -8.03
CA ALA A 255 -6.86 -7.37 -9.09
C ALA A 255 -5.56 -8.02 -8.77
N GLN A 256 -4.81 -8.29 -9.83
CA GLN A 256 -3.49 -8.88 -9.76
C GLN A 256 -2.61 -8.09 -10.72
N LEU A 257 -1.48 -7.59 -10.23
CA LEU A 257 -0.58 -6.76 -11.03
C LEU A 257 0.79 -7.44 -11.14
N GLU A 258 1.08 -7.97 -12.31
CA GLU A 258 2.32 -8.69 -12.56
C GLU A 258 3.24 -7.62 -13.15
N LEU A 259 4.28 -7.23 -12.43
CA LEU A 259 5.05 -6.05 -12.86
C LEU A 259 5.74 -6.21 -14.22
N SER A 260 5.97 -7.46 -14.65
CA SER A 260 6.55 -7.71 -15.97
C SER A 260 5.50 -7.70 -17.09
N ARG A 261 4.22 -7.55 -16.78
CA ARG A 261 3.17 -7.66 -17.80
C ARG A 261 3.24 -6.48 -18.74
N ALA A 262 3.12 -6.76 -20.04
CA ALA A 262 3.18 -5.72 -21.07
C ALA A 262 1.91 -4.91 -20.99
N GLY A 263 2.05 -3.58 -21.06
CA GLY A 263 0.92 -2.64 -21.03
C GLY A 263 0.33 -2.31 -19.66
N LEU A 264 1.06 -2.64 -18.58
CA LEU A 264 0.57 -2.42 -17.22
C LEU A 264 0.44 -0.92 -16.94
N GLU A 265 1.37 -0.12 -17.47
CA GLU A 265 1.26 1.34 -17.40
C GLU A 265 -0.09 1.85 -17.89
N GLN A 266 -0.55 1.30 -19.01
CA GLN A 266 -1.82 1.71 -19.62
C GLN A 266 -3.02 1.18 -18.84
N GLU A 267 -2.87 -0.01 -18.23
CA GLU A 267 -3.88 -0.53 -17.30
C GLU A 267 -4.07 0.41 -16.12
N LEU A 268 -2.96 0.86 -15.54
CA LEU A 268 -3.00 1.78 -14.39
C LEU A 268 -3.74 3.07 -14.74
N GLU A 269 -3.54 3.57 -15.96
CA GLU A 269 -4.24 4.78 -16.39
C GLU A 269 -5.70 4.53 -16.67
N ALA A 270 -6.08 3.41 -17.26
CA ALA A 270 -7.50 3.15 -17.49
C ALA A 270 -8.23 2.82 -16.18
N GLY A 271 -7.50 2.27 -15.21
CA GLY A 271 -8.10 1.82 -13.96
C GLY A 271 -7.89 0.33 -13.78
N VAL A 272 -7.43 -0.06 -12.60
CA VAL A 272 -7.29 -1.47 -12.29
C VAL A 272 -8.34 -1.87 -11.29
N GLY A 273 -8.88 -3.08 -11.46
CA GLY A 273 -9.82 -3.63 -10.49
C GLY A 273 -10.77 -4.62 -11.11
N GLY A 274 -11.98 -4.71 -10.59
CA GLY A 274 -12.93 -5.70 -11.10
C GLY A 274 -14.07 -5.99 -10.16
N ARG A 275 -14.76 -7.08 -10.43
CA ARG A 275 -15.91 -7.44 -9.64
C ARG A 275 -15.53 -8.27 -8.44
N PHE A 276 -16.44 -8.30 -7.48
CA PHE A 276 -16.28 -9.13 -6.30
C PHE A 276 -17.65 -9.53 -5.75
N ARG A 277 -17.61 -10.60 -4.96
CA ARG A 277 -18.79 -11.15 -4.32
C ARG A 277 -18.36 -11.91 -3.06
N CYS A 278 -19.15 -11.80 -2.01
CA CYS A 278 -18.92 -12.57 -0.80
C CYS A 278 -20.18 -12.64 0.03
N SER A 279 -20.06 -13.40 1.12
CA SER A 279 -21.17 -13.75 1.98
CA SER A 279 -21.16 -13.77 1.96
C SER A 279 -20.77 -13.50 3.41
N CYS A 280 -21.59 -12.74 4.12
CA CYS A 280 -21.22 -12.31 5.46
C CYS A 280 -21.32 -13.47 6.49
N TYR A 281 -20.55 -13.36 7.56
CA TYR A 281 -20.46 -14.40 8.55
C TYR A 281 -21.56 -14.36 9.61
N GLY A 282 -22.05 -13.17 9.96
CA GLY A 282 -23.00 -13.03 11.04
C GLY A 282 -23.59 -11.64 11.10
N SER A 283 -24.32 -11.38 12.18
CA SER A 283 -25.00 -10.12 12.39
C SER A 283 -23.97 -9.08 12.68
N ALA A 284 -24.01 -7.96 11.97
CA ALA A 284 -23.08 -6.86 12.23
C ALA A 284 -23.53 -5.54 11.61
N PRO A 285 -23.11 -4.40 12.19
CA PRO A 285 -23.27 -3.14 11.47
C PRO A 285 -22.11 -3.00 10.47
N MET A 286 -22.43 -3.10 9.18
CA MET A 286 -21.43 -2.94 8.14
C MET A 286 -21.26 -1.44 7.89
N HIS A 287 -20.02 -0.99 7.94
CA HIS A 287 -19.69 0.42 7.74
C HIS A 287 -19.15 0.73 6.34
N GLY A 288 -18.80 -0.31 5.59
CA GLY A 288 -18.15 -0.17 4.31
C GLY A 288 -17.20 -1.31 3.99
N PHE A 289 -16.14 -0.95 3.27
CA PHE A 289 -15.18 -1.91 2.79
C PHE A 289 -13.82 -1.50 3.23
N ALA A 290 -12.94 -2.48 3.38
CA ALA A 290 -11.52 -2.24 3.50
C ALA A 290 -10.84 -2.80 2.28
N ILE A 291 -9.85 -2.08 1.77
CA ILE A 291 -9.01 -2.62 0.76
C ILE A 291 -7.58 -2.66 1.25
N TRP A 292 -6.84 -3.64 0.77
CA TRP A 292 -5.42 -3.79 1.10
C TRP A 292 -4.70 -4.57 0.01
N PHE A 293 -3.38 -4.70 0.15
CA PHE A 293 -2.57 -5.35 -0.86
C PHE A 293 -1.59 -6.34 -0.23
N GLN A 294 -1.02 -7.15 -1.08
CA GLN A 294 0.19 -7.85 -0.78
C GLN A 294 1.08 -7.77 -1.98
N VAL A 295 2.36 -7.97 -1.76
CA VAL A 295 3.33 -8.07 -2.81
C VAL A 295 4.14 -9.36 -2.58
N THR A 296 4.66 -9.92 -3.65
CA THR A 296 5.31 -11.23 -3.58
C THR A 296 6.73 -11.15 -4.13
N PHE A 297 7.66 -11.71 -3.37
CA PHE A 297 9.05 -11.90 -3.75
C PHE A 297 9.27 -13.35 -4.19
N PRO A 298 9.72 -13.58 -5.44
CA PRO A 298 10.10 -14.98 -5.78
C PRO A 298 11.18 -15.52 -4.87
N GLY A 299 11.07 -16.81 -4.50
CA GLY A 299 12.14 -17.51 -3.77
C GLY A 299 13.25 -18.06 -4.64
N GLY A 300 13.16 -17.93 -5.97
CA GLY A 300 14.12 -18.60 -6.87
N GLU A 303 12.49 -22.67 -3.74
CA GLU A 303 11.71 -22.39 -2.54
C GLU A 303 10.35 -21.76 -2.89
N LYS A 304 9.48 -21.66 -1.88
CA LYS A 304 8.18 -20.97 -2.04
C LYS A 304 8.29 -19.41 -1.92
N PRO A 305 7.41 -18.67 -2.62
CA PRO A 305 7.46 -17.19 -2.58
C PRO A 305 7.31 -16.63 -1.16
N LEU A 306 7.92 -15.46 -0.91
CA LEU A 306 7.70 -14.73 0.34
C LEU A 306 6.68 -13.61 0.05
N VAL A 307 5.64 -13.55 0.87
CA VAL A 307 4.56 -12.58 0.71
C VAL A 307 4.62 -11.53 1.81
N LEU A 308 4.59 -10.25 1.41
CA LEU A 308 4.44 -9.16 2.36
C LEU A 308 3.00 -8.73 2.26
N SER A 309 2.26 -8.91 3.34
CA SER A 309 0.82 -8.67 3.34
C SER A 309 0.45 -7.51 4.26
N THR A 310 -0.57 -6.74 3.86
CA THR A 310 -1.12 -5.67 4.71
C THR A 310 -2.55 -5.96 5.17
N SER A 311 -2.91 -7.24 5.14
CA SER A 311 -4.22 -7.68 5.60
C SER A 311 -4.43 -7.42 7.09
N PRO A 312 -5.68 -7.11 7.48
CA PRO A 312 -6.01 -6.99 8.90
C PRO A 312 -5.81 -8.27 9.72
N PHE A 313 -5.75 -9.43 9.07
CA PHE A 313 -5.46 -10.71 9.76
C PHE A 313 -4.00 -10.92 10.08
N HIS A 314 -3.11 -10.18 9.42
CA HIS A 314 -1.68 -10.32 9.56
C HIS A 314 -1.10 -9.17 10.38
N PRO A 315 0.16 -9.31 10.85
CA PRO A 315 0.75 -8.25 11.66
C PRO A 315 0.64 -6.88 10.99
N ALA A 316 0.38 -5.86 11.81
CA ALA A 316 0.14 -4.53 11.30
C ALA A 316 1.38 -3.96 10.62
N THR A 317 1.16 -3.17 9.58
CA THR A 317 2.19 -2.41 8.89
C THR A 317 1.80 -0.94 8.92
N HIS A 318 2.72 -0.10 8.49
CA HIS A 318 2.47 1.35 8.46
C HIS A 318 1.43 1.71 7.35
N TRP A 319 1.22 0.81 6.39
CA TRP A 319 0.18 0.99 5.39
C TRP A 319 -1.24 0.82 5.94
N LYS A 320 -1.40 0.12 7.06
CA LYS A 320 -2.71 -0.20 7.65
C LYS A 320 -3.62 -0.76 6.55
N GLN A 321 -4.89 -0.33 6.48
CA GLN A 321 -5.74 -0.59 5.34
C GLN A 321 -6.42 0.69 4.87
N ALA A 322 -6.99 0.65 3.67
CA ALA A 322 -7.73 1.78 3.14
C ALA A 322 -9.23 1.50 3.24
N LEU A 323 -9.97 2.39 3.92
CA LEU A 323 -11.36 2.20 4.22
C LEU A 323 -12.28 3.08 3.34
N LEU A 324 -13.37 2.47 2.89
CA LEU A 324 -14.35 3.05 2.02
C LEU A 324 -15.67 2.97 2.75
N TYR A 325 -16.05 4.05 3.41
CA TYR A 325 -17.27 4.03 4.22
C TYR A 325 -18.52 4.29 3.39
N LEU A 326 -19.57 3.51 3.70
CA LEU A 326 -20.90 3.80 3.17
C LEU A 326 -21.41 5.10 3.80
N ASN A 327 -22.43 5.73 3.24
CA ASN A 327 -22.94 6.96 3.85
C ASN A 327 -23.50 6.77 5.24
N GLU A 328 -23.99 5.58 5.52
CA GLU A 328 -24.45 5.22 6.86
C GLU A 328 -24.27 3.72 7.04
N PRO A 329 -24.37 3.23 8.28
CA PRO A 329 -24.26 1.80 8.49
C PRO A 329 -25.41 1.00 7.90
N VAL A 330 -25.13 -0.24 7.52
CA VAL A 330 -26.17 -1.17 7.08
C VAL A 330 -26.03 -2.45 7.90
N GLN A 331 -27.13 -2.92 8.49
CA GLN A 331 -27.12 -4.18 9.24
C GLN A 331 -27.03 -5.36 8.24
N VAL A 332 -26.07 -6.25 8.48
CA VAL A 332 -25.96 -7.48 7.71
C VAL A 332 -26.18 -8.67 8.66
N GLU A 333 -26.44 -9.83 8.06
CA GLU A 333 -26.70 -11.05 8.82
C GLU A 333 -25.87 -12.16 8.22
N GLN A 334 -25.90 -13.32 8.88
CA GLN A 334 -25.29 -14.51 8.30
CA GLN A 334 -25.26 -14.49 8.29
C GLN A 334 -25.81 -14.74 6.89
N ASP A 335 -24.91 -14.95 5.93
CA ASP A 335 -25.23 -15.19 4.54
C ASP A 335 -25.71 -13.97 3.73
N THR A 336 -25.66 -12.76 4.28
CA THR A 336 -25.99 -11.58 3.46
C THR A 336 -24.96 -11.52 2.31
N ASP A 337 -25.45 -11.44 1.09
CA ASP A 337 -24.62 -11.32 -0.09
C ASP A 337 -24.13 -9.87 -0.22
N VAL A 338 -22.83 -9.69 -0.46
CA VAL A 338 -22.27 -8.37 -0.68
C VAL A 338 -21.46 -8.47 -1.97
N SER A 339 -21.79 -7.64 -2.96
CA SER A 339 -21.09 -7.69 -4.23
C SER A 339 -20.83 -6.31 -4.77
N GLY A 340 -20.00 -6.24 -5.80
CA GLY A 340 -19.76 -4.99 -6.45
C GLY A 340 -18.68 -5.01 -7.49
N GLU A 341 -18.31 -3.79 -7.88
CA GLU A 341 -17.29 -3.56 -8.84
C GLU A 341 -16.49 -2.38 -8.35
N ILE A 342 -15.16 -2.53 -8.34
CA ILE A 342 -14.27 -1.51 -7.83
C ILE A 342 -13.15 -1.24 -8.82
N THR A 343 -12.84 0.04 -9.02
CA THR A 343 -11.69 0.46 -9.83
C THR A 343 -10.83 1.49 -9.12
N LEU A 344 -9.52 1.31 -9.19
CA LEU A 344 -8.54 2.24 -8.63
C LEU A 344 -7.90 2.98 -9.80
N LEU A 345 -7.94 4.32 -9.79
CA LEU A 345 -7.25 5.11 -10.83
C LEU A 345 -6.75 6.46 -10.34
N PRO A 346 -5.88 7.13 -11.12
CA PRO A 346 -5.40 8.47 -10.71
C PRO A 346 -6.55 9.50 -10.67
N SER A 347 -6.56 10.40 -9.70
CA SER A 347 -7.52 11.51 -9.70
CA SER A 347 -7.54 11.49 -9.71
C SER A 347 -7.31 12.37 -10.94
N ARG A 348 -8.38 13.01 -11.38
CA ARG A 348 -8.35 13.92 -12.54
C ARG A 348 -7.43 15.13 -12.26
N ASP A 349 -7.65 15.82 -11.14
CA ASP A 349 -6.94 17.07 -10.83
C ASP A 349 -5.57 16.88 -10.15
N ASN A 350 -5.20 15.65 -9.85
CA ASN A 350 -3.89 15.37 -9.27
C ASN A 350 -3.52 13.91 -9.53
N PRO A 351 -2.70 13.67 -10.57
CA PRO A 351 -2.44 12.30 -11.03
C PRO A 351 -1.72 11.40 -10.03
N ARG A 352 -1.19 11.95 -8.93
CA ARG A 352 -0.61 11.15 -7.85
C ARG A 352 -1.56 10.90 -6.68
N ARG A 353 -2.80 11.35 -6.77
CA ARG A 353 -3.78 11.07 -5.75
C ARG A 353 -4.66 9.91 -6.25
N LEU A 354 -4.95 8.98 -5.37
CA LEU A 354 -5.75 7.81 -5.72
C LEU A 354 -7.22 8.17 -5.65
N ARG A 355 -7.96 7.68 -6.61
CA ARG A 355 -9.38 7.73 -6.61
C ARG A 355 -9.91 6.31 -6.72
N VAL A 356 -11.06 6.08 -6.13
CA VAL A 356 -11.73 4.78 -6.16
C VAL A 356 -13.15 4.95 -6.65
N LEU A 357 -13.47 4.22 -7.71
CA LEU A 357 -14.84 4.10 -8.21
C LEU A 357 -15.44 2.81 -7.69
N LEU A 358 -16.57 2.92 -7.01
CA LEU A 358 -17.21 1.78 -6.39
C LEU A 358 -18.69 1.79 -6.67
N ARG A 359 -19.16 0.64 -7.14
CA ARG A 359 -20.58 0.35 -7.23
C ARG A 359 -20.84 -0.96 -6.50
N TYR A 360 -21.79 -0.99 -5.59
CA TYR A 360 -21.92 -2.12 -4.68
C TYR A 360 -23.39 -2.40 -4.41
N LYS A 361 -23.65 -3.60 -3.88
CA LYS A 361 -24.97 -4.05 -3.47
C LYS A 361 -24.87 -4.90 -2.21
N VAL A 362 -25.59 -4.52 -1.16
CA VAL A 362 -25.62 -5.26 0.10
C VAL A 362 -27.02 -5.87 0.24
N GLY A 363 -27.08 -7.20 0.23
CA GLY A 363 -28.35 -7.94 0.39
C GLY A 363 -29.44 -7.53 -0.60
N ASP A 364 -30.61 -7.18 -0.07
CA ASP A 364 -31.76 -6.80 -0.90
C ASP A 364 -31.83 -5.30 -1.18
N GLN A 365 -30.86 -4.56 -0.67
CA GLN A 365 -30.76 -3.15 -0.94
C GLN A 365 -30.43 -2.95 -2.42
N GLU A 366 -30.91 -1.87 -3.00
CA GLU A 366 -30.58 -1.55 -4.39
C GLU A 366 -29.08 -1.25 -4.54
N GLU A 367 -28.57 -1.47 -5.74
CA GLU A 367 -27.20 -1.10 -6.07
C GLU A 367 -26.95 0.37 -5.85
N LYS A 368 -25.75 0.71 -5.38
CA LYS A 368 -25.38 2.10 -5.14
C LYS A 368 -23.99 2.38 -5.61
N THR A 369 -23.79 3.63 -5.99
CA THR A 369 -22.50 4.12 -6.37
C THR A 369 -22.01 5.03 -5.25
N LYS A 370 -20.75 4.86 -4.89
CA LYS A 370 -20.02 5.86 -4.12
C LYS A 370 -18.58 5.87 -4.55
N ASP A 371 -18.13 7.04 -4.98
CA ASP A 371 -16.79 7.24 -5.48
C ASP A 371 -15.99 8.08 -4.48
N PHE A 372 -14.72 7.75 -4.34
CA PHE A 372 -13.88 8.29 -3.28
C PHE A 372 -12.59 8.83 -3.83
N ALA A 373 -11.95 9.70 -3.05
CA ALA A 373 -10.61 10.15 -3.32
C ALA A 373 -9.84 10.16 -2.02
N MET A 374 -8.53 9.97 -2.09
CA MET A 374 -7.72 9.77 -0.90
C MET A 374 -7.74 11.00 0.03
N GLU A 375 -7.86 10.74 1.35
CA GLU A 375 -7.93 11.83 2.35
C GLU A 375 -6.70 12.76 2.27
N ASP A 376 -6.91 14.03 2.63
CA ASP A 376 -5.88 15.09 2.53
C ASP A 376 -4.63 14.78 3.36
N SAH B . 14.08 2.21 -0.21
CA SAH B . 13.79 3.00 1.02
CB SAH B . 12.82 4.17 0.75
CG SAH B . 11.42 3.84 0.24
SD SAH B . 10.39 5.33 0.13
C SAH B . 13.26 2.05 2.07
O SAH B . 12.72 0.98 1.67
OXT SAH B . 13.32 2.31 3.30
C5' SAH B . 10.48 5.75 -1.59
C4' SAH B . 11.65 6.69 -1.92
O4' SAH B . 11.74 6.91 -3.34
C3' SAH B . 11.59 8.07 -1.28
O3' SAH B . 12.86 8.29 -0.62
C2' SAH B . 11.37 9.01 -2.47
O2' SAH B . 12.08 10.23 -2.40
C1' SAH B . 12.02 8.27 -3.63
N9 SAH B . 11.50 8.51 -4.98
C8 SAH B . 10.22 8.71 -5.32
N7 SAH B . 10.13 8.82 -6.66
C5 SAH B . 11.35 8.66 -7.17
C6 SAH B . 11.93 8.66 -8.51
N6 SAH B . 11.11 8.85 -9.55
N1 SAH B . 13.24 8.46 -8.64
C2 SAH B . 14.05 8.27 -7.57
N3 SAH B . 13.56 8.27 -6.31
C4 SAH B . 12.26 8.44 -6.07
UNK UNX C . 5.45 4.52 1.02
UNK UNX D . 7.15 19.51 14.65
UNK UNX E . -2.00 -10.36 13.51
UNK UNX F . -17.47 0.82 -10.13
UNK UNX G . 1.04 7.16 -7.64
UNK UNX H . -13.71 10.37 -7.21
UNK UNX I . -28.30 -11.59 0.69
UNK UNX J . -20.60 -7.37 -9.42
UNK UNX K . -25.19 11.65 4.11
UNK UNX L . -31.14 -7.35 2.78
#